data_9FVO
#
_entry.id   9FVO
#
_cell.length_a   45.638
_cell.length_b   72.832
_cell.length_c   53.230
_cell.angle_alpha   90.000
_cell.angle_beta   109.460
_cell.angle_gamma   90.000
#
_symmetry.space_group_name_H-M   'P 1 21 1'
#
loop_
_entity.id
_entity.type
_entity.pdbx_description
1 polymer Endothiapepsin
2 non-polymer '{3-[(4-AMINO-BENZENESULFONYL)-ISOBUTYL-AMINO]-1-BENZYL-2-HYDROXY-PROPYL}-CARBAMIC ACID TETRAHYDRO-FURAN-3-YL ESTER'
3 non-polymer 'TETRAETHYLENE GLYCOL'
4 non-polymer 'TRIETHYLENE GLYCOL'
5 non-polymer 1,2-ETHANEDIOL
6 non-polymer 'ACETIC ACID'
7 water water
#
_entity_poly.entity_id   1
_entity_poly.type   'polypeptide(L)'
_entity_poly.pdbx_seq_one_letter_code
;STGSATTTPIDSLDDAYITPVQIGTPAQTLNLDFDTGSSDLWVFSSETTASEVDGQTIYTPSKSTTAKLLSGATWSISYG
DGSSSSGDVYTDTVSVGGLTVTGQAVESAKKVSSSFTEDSTIDGLLGLAFSTLNTVSPTQQKTFFDNAKASLDSPVFTAD
LGYHAPGTYNFGFIDTTAYTGSITYTAVSTKQGFWEWTSTGYAVGSGTFKSTSIDGIADTGTTLLYLPATVVSAYWAQVS
GAKSSSSVGGYVFPCSATLPSFTFGVGSARIVIPGDYIDFGPISTGSSSCFGGIQSSAGIGINIFGDVALKAAFVVFNGA
TTPTLGFASK
;
_entity_poly.pdbx_strand_id   A
#
loop_
_chem_comp.id
_chem_comp.type
_chem_comp.name
_chem_comp.formula
478 non-polymer '{3-[(4-AMINO-BENZENESULFONYL)-ISOBUTYL-AMINO]-1-BENZYL-2-HYDROXY-PROPYL}-CARBAMIC ACID TETRAHYDRO-FURAN-3-YL ESTER' 'C25 H35 N3 O6 S'
ACY non-polymer 'ACETIC ACID' 'C2 H4 O2'
EDO non-polymer 1,2-ETHANEDIOL 'C2 H6 O2'
PG4 non-polymer 'TETRAETHYLENE GLYCOL' 'C8 H18 O5'
PGE non-polymer 'TRIETHYLENE GLYCOL' 'C6 H14 O4'
#
# COMPACT_ATOMS: atom_id res chain seq x y z
N SER A 1 -2.86 2.66 -24.35
CA SER A 1 -4.00 2.40 -23.46
C SER A 1 -3.81 3.04 -22.08
N THR A 2 -4.93 3.17 -21.36
CA THR A 2 -4.92 3.70 -20.00
C THR A 2 -6.00 2.97 -19.20
N GLY A 3 -5.95 3.15 -17.88
CA GLY A 3 -7.02 2.71 -17.00
C GLY A 3 -7.11 3.63 -15.78
N SER A 4 -8.28 3.65 -15.15
CA SER A 4 -8.51 4.48 -13.99
C SER A 4 -9.54 3.80 -13.10
N ALA A 5 -9.24 3.66 -11.81
CA ALA A 5 -10.19 3.08 -10.87
C ALA A 5 -10.17 3.83 -9.54
N THR A 6 -11.34 3.90 -8.92
CA THR A 6 -11.50 4.51 -7.59
C THR A 6 -11.10 3.53 -6.50
N THR A 7 -10.37 4.03 -5.48
CA THR A 7 -9.97 3.25 -4.34
C THR A 7 -10.63 3.83 -3.07
N THR A 8 -11.12 2.95 -2.22
CA THR A 8 -12.03 3.38 -1.11
C THR A 8 -11.51 2.85 0.22
N PRO A 9 -11.49 3.68 1.28
CA PRO A 9 -11.09 3.16 2.59
C PRO A 9 -11.99 2.01 3.02
N ILE A 10 -11.40 1.01 3.68
CA ILE A 10 -12.23 -0.10 4.16
C ILE A 10 -13.05 0.25 5.41
N ASP A 11 -12.69 1.30 6.13
CA ASP A 11 -13.35 1.65 7.37
C ASP A 11 -13.11 3.12 7.64
N SER A 12 -13.61 3.59 8.81
CA SER A 12 -13.62 5.02 9.11
C SER A 12 -12.25 5.55 9.50
N LEU A 13 -11.26 4.68 9.61
CA LEU A 13 -9.90 5.08 10.01
C LEU A 13 -8.89 5.01 8.88
N ASP A 14 -9.30 4.62 7.67
CA ASP A 14 -8.35 4.42 6.57
C ASP A 14 -7.36 3.30 6.91
N ASP A 15 -7.86 2.21 7.51
CA ASP A 15 -6.95 1.10 7.87
C ASP A 15 -6.38 0.39 6.64
N ALA A 16 -7.02 0.55 5.49
CA ALA A 16 -6.53 0.05 4.21
C ALA A 16 -7.48 0.58 3.15
N TYR A 17 -7.13 0.36 1.87
CA TYR A 17 -7.89 0.83 0.74
C TYR A 17 -8.17 -0.34 -0.21
N ILE A 18 -9.39 -0.42 -0.75
CA ILE A 18 -9.77 -1.49 -1.68
C ILE A 18 -10.21 -0.89 -3.01
N THR A 19 -9.88 -1.60 -4.09
CA THR A 19 -10.08 -1.18 -5.47
C THR A 19 -10.73 -2.34 -6.23
N PRO A 20 -11.84 -2.12 -6.96
CA PRO A 20 -12.47 -3.25 -7.66
C PRO A 20 -11.63 -3.67 -8.87
N VAL A 21 -11.55 -5.00 -9.07
CA VAL A 21 -10.78 -5.66 -10.13
C VAL A 21 -11.67 -6.74 -10.77
N GLN A 22 -11.73 -6.74 -12.09
CA GLN A 22 -12.50 -7.75 -12.85
C GLN A 22 -11.58 -8.92 -13.23
N ILE A 23 -12.01 -10.13 -12.91
CA ILE A 23 -11.22 -11.34 -13.21
C ILE A 23 -12.12 -12.35 -13.94
N GLY A 24 -11.65 -12.82 -15.09
CA GLY A 24 -12.32 -13.94 -15.76
C GLY A 24 -13.40 -13.50 -16.75
N THR A 25 -13.99 -14.52 -17.39
CA THR A 25 -15.03 -14.34 -18.39
C THR A 25 -16.18 -15.31 -18.09
N PRO A 26 -17.39 -14.84 -17.83
CA PRO A 26 -17.84 -13.44 -17.60
C PRO A 26 -17.10 -12.89 -16.37
N ALA A 27 -17.03 -11.56 -16.24
CA ALA A 27 -16.21 -10.97 -15.19
C ALA A 27 -16.68 -11.36 -13.80
N GLN A 28 -15.71 -11.61 -12.93
CA GLN A 28 -15.93 -11.75 -11.48
C GLN A 28 -15.22 -10.59 -10.80
N THR A 29 -15.95 -9.77 -10.05
CA THR A 29 -15.38 -8.55 -9.48
C THR A 29 -15.03 -8.80 -8.03
N LEU A 30 -13.74 -8.63 -7.69
CA LEU A 30 -13.22 -8.75 -6.33
C LEU A 30 -12.59 -7.41 -5.93
N ASN A 31 -12.63 -7.09 -4.64
CA ASN A 31 -12.10 -5.85 -4.10
C ASN A 31 -10.73 -6.14 -3.52
N LEU A 32 -9.68 -5.67 -4.20
CA LEU A 32 -8.32 -6.03 -3.83
C LEU A 32 -7.56 -4.84 -3.22
N ASP A 33 -6.57 -5.17 -2.37
CA ASP A 33 -5.68 -4.22 -1.72
C ASP A 33 -4.47 -4.02 -2.63
N PHE A 34 -4.41 -2.87 -3.33
CA PHE A 34 -3.29 -2.55 -4.21
C PHE A 34 -2.05 -2.27 -3.35
N ASP A 35 -0.97 -3.03 -3.54
CA ASP A 35 0.16 -3.05 -2.60
C ASP A 35 1.49 -2.83 -3.34
N THR A 36 2.00 -1.59 -3.31
CA THR A 36 3.26 -1.31 -4.00
C THR A 36 4.47 -1.86 -3.23
N GLY A 37 4.27 -2.59 -2.13
CA GLY A 37 5.35 -3.24 -1.43
C GLY A 37 5.36 -4.76 -1.52
N SER A 38 4.58 -5.37 -2.43
CA SER A 38 4.68 -6.79 -2.72
C SER A 38 4.33 -7.00 -4.20
N SER A 39 4.45 -8.25 -4.68
CA SER A 39 4.43 -8.49 -6.12
C SER A 39 3.65 -9.74 -6.51
N ASP A 40 2.70 -10.15 -5.68
CA ASP A 40 1.79 -11.25 -5.96
C ASP A 40 0.37 -10.70 -6.07
N LEU A 41 -0.35 -11.12 -7.11
CA LEU A 41 -1.80 -10.95 -7.22
C LEU A 41 -2.45 -12.25 -6.76
N TRP A 42 -3.04 -12.25 -5.54
CA TRP A 42 -3.66 -13.45 -4.99
C TRP A 42 -5.08 -13.11 -4.53
N VAL A 43 -5.95 -14.12 -4.56
CA VAL A 43 -7.36 -13.94 -4.25
C VAL A 43 -7.91 -15.08 -3.40
N PHE A 44 -8.87 -14.73 -2.54
CA PHE A 44 -9.79 -15.73 -1.98
C PHE A 44 -10.48 -16.45 -3.14
N SER A 45 -10.70 -17.76 -3.00
CA SER A 45 -11.23 -18.51 -4.12
C SER A 45 -12.10 -19.68 -3.65
N SER A 46 -12.72 -20.35 -4.64
CA SER A 46 -13.46 -21.59 -4.39
C SER A 46 -12.55 -22.70 -3.86
N GLU A 47 -11.22 -22.53 -3.93
CA GLU A 47 -10.24 -23.47 -3.39
C GLU A 47 -9.84 -23.19 -1.95
N THR A 48 -10.19 -22.02 -1.39
CA THR A 48 -9.75 -21.68 -0.05
C THR A 48 -10.48 -22.53 1.01
N THR A 49 -9.71 -23.11 1.94
CA THR A 49 -10.31 -23.88 3.04
C THR A 49 -11.53 -23.17 3.62
N ALA A 50 -12.65 -23.87 3.65
CA ALA A 50 -13.94 -23.22 3.89
C ALA A 50 -13.98 -22.52 5.24
N SER A 51 -13.35 -23.11 6.26
CA SER A 51 -13.27 -22.49 7.58
C SER A 51 -12.46 -21.18 7.60
N GLU A 52 -11.70 -20.89 6.54
CA GLU A 52 -10.87 -19.68 6.49
C GLU A 52 -11.49 -18.56 5.66
N VAL A 53 -12.71 -18.74 5.16
CA VAL A 53 -13.48 -17.73 4.43
C VAL A 53 -14.60 -17.26 5.33
N ASP A 54 -14.71 -15.94 5.53
CA ASP A 54 -15.77 -15.36 6.39
CA ASP A 54 -15.75 -15.34 6.40
C ASP A 54 -16.20 -14.01 5.79
N GLY A 55 -16.99 -14.09 4.74
CA GLY A 55 -17.59 -12.91 4.14
C GLY A 55 -16.92 -12.38 2.89
N GLN A 56 -15.73 -12.84 2.56
CA GLN A 56 -15.02 -12.38 1.37
C GLN A 56 -15.71 -12.88 0.10
N THR A 57 -15.58 -12.11 -0.96
CA THR A 57 -15.99 -12.55 -2.29
C THR A 57 -14.89 -13.40 -2.87
N ILE A 58 -15.26 -14.55 -3.48
CA ILE A 58 -14.29 -15.51 -3.99
C ILE A 58 -14.27 -15.57 -5.50
N TYR A 59 -13.09 -15.90 -6.04
CA TYR A 59 -12.89 -16.21 -7.45
C TYR A 59 -13.08 -17.71 -7.66
N THR A 60 -13.92 -18.06 -8.62
CA THR A 60 -14.15 -19.47 -8.95
C THR A 60 -13.64 -19.75 -10.37
N PRO A 61 -12.43 -20.31 -10.55
CA PRO A 61 -11.90 -20.41 -11.92
C PRO A 61 -12.71 -21.31 -12.81
N SER A 62 -13.40 -22.30 -12.25
CA SER A 62 -14.16 -23.23 -13.09
C SER A 62 -15.35 -22.56 -13.75
N LYS A 63 -15.76 -21.39 -13.29
CA LYS A 63 -16.83 -20.63 -13.93
C LYS A 63 -16.31 -19.61 -14.96
N SER A 64 -15.01 -19.59 -15.22
CA SER A 64 -14.42 -18.62 -16.17
C SER A 64 -13.93 -19.35 -17.41
N THR A 65 -14.45 -18.96 -18.56
CA THR A 65 -14.07 -19.67 -19.80
C THR A 65 -12.65 -19.36 -20.25
N THR A 66 -12.01 -18.32 -19.70
CA THR A 66 -10.66 -17.93 -20.05
C THR A 66 -9.63 -18.39 -19.02
N ALA A 67 -10.05 -19.02 -17.93
CA ALA A 67 -9.11 -19.50 -16.92
C ALA A 67 -8.40 -20.76 -17.42
N LYS A 68 -7.10 -20.84 -17.19
CA LYS A 68 -6.31 -22.05 -17.44
C LYS A 68 -5.38 -22.31 -16.26
N LEU A 69 -5.43 -23.52 -15.72
CA LEU A 69 -4.49 -23.86 -14.66
C LEU A 69 -3.07 -23.75 -15.18
N LEU A 70 -2.21 -23.10 -14.39
CA LEU A 70 -0.78 -23.04 -14.71
C LEU A 70 -0.14 -24.26 -14.08
N SER A 71 0.05 -25.30 -14.91
CA SER A 71 0.38 -26.62 -14.37
C SER A 71 1.68 -26.64 -13.56
N GLY A 72 1.58 -27.16 -12.34
CA GLY A 72 2.72 -27.31 -11.47
C GLY A 72 3.11 -26.10 -10.67
N ALA A 73 2.50 -24.94 -10.89
CA ALA A 73 2.93 -23.71 -10.24
C ALA A 73 2.24 -23.59 -8.89
N THR A 74 3.02 -23.20 -7.88
CA THR A 74 2.49 -22.93 -6.53
C THR A 74 3.07 -21.62 -6.05
N TRP A 75 2.50 -21.08 -4.96
CA TRP A 75 2.95 -19.81 -4.41
C TRP A 75 2.77 -19.84 -2.89
N SER A 76 3.61 -19.07 -2.20
CA SER A 76 3.59 -19.04 -0.74
C SER A 76 4.25 -17.75 -0.31
N ILE A 77 3.53 -16.92 0.45
CA ILE A 77 4.04 -15.60 0.83
C ILE A 77 3.84 -15.36 2.32
N SER A 78 4.81 -14.67 2.94
CA SER A 78 4.72 -14.21 4.32
C SER A 78 5.02 -12.72 4.33
N TYR A 79 4.17 -11.97 5.00
CA TYR A 79 4.26 -10.50 5.01
C TYR A 79 4.87 -9.99 6.31
N GLY A 80 5.22 -8.71 6.30
CA GLY A 80 5.87 -8.08 7.45
C GLY A 80 5.10 -8.10 8.76
N ASP A 81 3.78 -8.27 8.72
CA ASP A 81 2.96 -8.34 9.92
C ASP A 81 2.78 -9.77 10.45
N GLY A 82 3.47 -10.73 9.86
CA GLY A 82 3.36 -12.13 10.26
C GLY A 82 2.24 -12.90 9.61
N SER A 83 1.45 -12.25 8.76
CA SER A 83 0.39 -12.95 8.03
C SER A 83 0.98 -13.70 6.82
N SER A 84 0.18 -14.60 6.25
CA SER A 84 0.65 -15.46 5.17
C SER A 84 -0.52 -16.06 4.40
N SER A 85 -0.21 -16.52 3.18
CA SER A 85 -1.19 -17.21 2.34
C SER A 85 -0.42 -18.04 1.32
N SER A 86 -1.09 -19.04 0.73
CA SER A 86 -0.46 -19.93 -0.24
C SER A 86 -1.52 -20.63 -1.08
N GLY A 87 -1.11 -21.17 -2.24
CA GLY A 87 -2.06 -21.87 -3.10
C GLY A 87 -1.49 -22.27 -4.45
N ASP A 88 -2.39 -22.36 -5.42
CA ASP A 88 -2.04 -22.71 -6.82
C ASP A 88 -2.31 -21.49 -7.73
N VAL A 89 -2.15 -21.68 -9.04
CA VAL A 89 -2.08 -20.53 -9.95
C VAL A 89 -2.84 -20.82 -11.25
N TYR A 90 -3.67 -19.85 -11.68
CA TYR A 90 -4.32 -19.86 -12.97
C TYR A 90 -3.88 -18.63 -13.74
N THR A 91 -3.87 -18.70 -15.06
CA THR A 91 -3.81 -17.50 -15.87
C THR A 91 -5.24 -17.14 -16.28
N ASP A 92 -5.53 -15.83 -16.36
CA ASP A 92 -6.88 -15.39 -16.71
C ASP A 92 -6.81 -13.93 -17.12
N THR A 93 -7.93 -13.45 -17.66
CA THR A 93 -8.05 -12.05 -18.04
C THR A 93 -8.36 -11.21 -16.82
N VAL A 94 -7.61 -10.11 -16.65
CA VAL A 94 -7.74 -9.23 -15.49
C VAL A 94 -7.83 -7.80 -16.01
N SER A 95 -8.88 -7.06 -15.56
CA SER A 95 -9.00 -5.66 -15.92
C SER A 95 -9.16 -4.78 -14.68
N VAL A 96 -8.59 -3.57 -14.78
CA VAL A 96 -8.65 -2.53 -13.77
C VAL A 96 -9.12 -1.26 -14.45
N GLY A 97 -10.31 -0.81 -14.11
CA GLY A 97 -10.85 0.40 -14.67
C GLY A 97 -10.66 0.60 -16.16
N GLY A 98 -11.02 -0.42 -16.94
CA GLY A 98 -10.91 -0.34 -18.39
C GLY A 98 -9.61 -0.86 -19.00
N LEU A 99 -8.58 -1.09 -18.21
CA LEU A 99 -7.29 -1.58 -18.70
C LEU A 99 -7.19 -3.09 -18.53
N THR A 100 -6.99 -3.83 -19.63
CA THR A 100 -7.09 -5.29 -19.63
C THR A 100 -5.75 -5.96 -19.91
N VAL A 101 -5.43 -6.97 -19.10
CA VAL A 101 -4.27 -7.84 -19.33
C VAL A 101 -4.79 -9.26 -19.54
N THR A 102 -4.45 -9.87 -20.70
CA THR A 102 -4.72 -11.28 -20.89
C THR A 102 -3.54 -12.10 -20.39
N GLY A 103 -3.82 -13.30 -19.90
CA GLY A 103 -2.74 -14.16 -19.42
C GLY A 103 -2.11 -13.75 -18.11
N GLN A 104 -2.80 -12.97 -17.29
CA GLN A 104 -2.27 -12.59 -15.99
C GLN A 104 -2.26 -13.79 -15.05
N ALA A 105 -1.16 -13.95 -14.32
CA ALA A 105 -1.11 -14.95 -13.24
C ALA A 105 -2.03 -14.53 -12.07
N VAL A 106 -3.06 -15.34 -11.81
CA VAL A 106 -4.00 -15.12 -10.70
C VAL A 106 -3.72 -16.25 -9.70
N GLU A 107 -3.16 -15.90 -8.55
CA GLU A 107 -2.74 -16.88 -7.55
C GLU A 107 -3.94 -17.16 -6.64
N SER A 108 -4.44 -18.39 -6.70
CA SER A 108 -5.66 -18.78 -5.99
C SER A 108 -5.31 -19.34 -4.62
N ALA A 109 -5.89 -18.75 -3.55
CA ALA A 109 -5.53 -19.17 -2.20
C ALA A 109 -6.17 -20.50 -1.84
N LYS A 110 -5.35 -21.45 -1.41
CA LYS A 110 -5.84 -22.63 -0.70
C LYS A 110 -5.83 -22.46 0.82
N LYS A 111 -4.88 -21.69 1.35
CA LYS A 111 -4.80 -21.38 2.77
C LYS A 111 -4.54 -19.88 2.95
N VAL A 112 -5.15 -19.30 3.99
CA VAL A 112 -4.85 -17.93 4.42
C VAL A 112 -4.77 -17.92 5.96
N SER A 113 -3.97 -17.01 6.48
CA SER A 113 -3.81 -16.88 7.93
C SER A 113 -4.96 -16.07 8.53
N SER A 114 -5.00 -16.01 9.87
CA SER A 114 -6.21 -15.57 10.55
C SER A 114 -6.54 -14.11 10.28
N SER A 115 -5.53 -13.26 10.12
CA SER A 115 -5.83 -11.85 9.92
CA SER A 115 -5.80 -11.84 9.91
C SER A 115 -6.54 -11.60 8.60
N PHE A 116 -6.27 -12.42 7.57
CA PHE A 116 -7.01 -12.30 6.32
C PHE A 116 -8.45 -12.78 6.48
N THR A 117 -8.65 -13.95 7.12
CA THR A 117 -10.00 -14.42 7.39
C THR A 117 -10.82 -13.38 8.13
N GLU A 118 -10.23 -12.72 9.10
CA GLU A 118 -10.95 -11.83 9.99
C GLU A 118 -11.31 -10.50 9.34
N ASP A 119 -10.74 -10.20 8.19
CA ASP A 119 -11.01 -8.95 7.49
C ASP A 119 -11.91 -9.25 6.30
N SER A 120 -13.23 -9.07 6.48
CA SER A 120 -14.16 -9.42 5.43
C SER A 120 -14.17 -8.44 4.28
N THR A 121 -13.48 -7.30 4.38
CA THR A 121 -13.53 -6.27 3.33
C THR A 121 -12.48 -6.46 2.22
N ILE A 122 -11.50 -7.32 2.41
CA ILE A 122 -10.39 -7.48 1.45
C ILE A 122 -10.42 -8.88 0.88
N ASP A 123 -10.60 -8.98 -0.44
CA ASP A 123 -10.76 -10.24 -1.13
C ASP A 123 -9.43 -10.76 -1.69
N GLY A 124 -8.36 -9.99 -1.58
CA GLY A 124 -7.06 -10.39 -2.06
C GLY A 124 -6.14 -9.19 -2.15
N LEU A 125 -4.94 -9.44 -2.69
CA LEU A 125 -3.94 -8.43 -2.92
C LEU A 125 -3.61 -8.32 -4.39
N LEU A 126 -3.24 -7.12 -4.84
CA LEU A 126 -2.70 -6.89 -6.18
C LEU A 126 -1.34 -6.20 -6.01
N GLY A 127 -0.27 -6.97 -6.20
CA GLY A 127 1.08 -6.44 -5.95
C GLY A 127 1.57 -5.56 -7.10
N LEU A 128 2.24 -4.46 -6.71
CA LEU A 128 2.71 -3.44 -7.64
C LEU A 128 4.15 -3.06 -7.36
N ALA A 129 4.87 -3.86 -6.53
CA ALA A 129 6.33 -3.76 -6.48
C ALA A 129 6.94 -4.46 -7.71
N PHE A 130 8.25 -4.69 -7.68
CA PHE A 130 8.94 -5.25 -8.85
C PHE A 130 8.81 -6.77 -8.90
N SER A 131 8.72 -7.32 -10.12
CA SER A 131 8.35 -8.73 -10.28
C SER A 131 9.43 -9.68 -9.72
N THR A 132 10.62 -9.19 -9.46
CA THR A 132 11.64 -9.97 -8.78
C THR A 132 11.19 -10.52 -7.44
N LEU A 133 10.18 -9.90 -6.78
CA LEU A 133 9.68 -10.42 -5.51
C LEU A 133 8.52 -11.42 -5.65
N ASN A 134 8.07 -11.74 -6.86
CA ASN A 134 6.93 -12.64 -6.99
C ASN A 134 7.29 -14.03 -6.47
N THR A 135 6.38 -14.69 -5.79
CA THR A 135 6.72 -15.96 -5.12
C THR A 135 6.34 -17.21 -5.91
N VAL A 136 5.83 -17.09 -7.14
CA VAL A 136 5.39 -18.28 -7.85
C VAL A 136 6.59 -19.15 -8.19
N SER A 137 6.47 -20.46 -7.94
CA SER A 137 7.50 -21.46 -8.18
C SER A 137 6.92 -22.61 -8.98
N PRO A 138 7.71 -23.21 -9.89
CA PRO A 138 9.10 -22.94 -10.22
C PRO A 138 9.33 -21.86 -11.25
N THR A 139 8.27 -21.27 -11.83
CA THR A 139 8.39 -20.23 -12.84
C THR A 139 7.81 -18.93 -12.27
N GLN A 140 8.69 -17.98 -11.95
CA GLN A 140 8.24 -16.70 -11.45
C GLN A 140 7.33 -15.98 -12.45
N GLN A 141 6.34 -15.23 -11.92
CA GLN A 141 5.34 -14.56 -12.73
C GLN A 141 5.45 -13.04 -12.59
N LYS A 142 4.90 -12.33 -13.57
CA LYS A 142 4.96 -10.86 -13.62
C LYS A 142 3.76 -10.22 -12.93
N THR A 143 3.95 -9.00 -12.45
CA THR A 143 2.84 -8.22 -11.87
C THR A 143 1.91 -7.70 -12.98
N PHE A 144 0.72 -7.25 -12.54
CA PHE A 144 -0.24 -6.66 -13.48
C PHE A 144 0.38 -5.46 -14.20
N PHE A 145 1.11 -4.61 -13.46
CA PHE A 145 1.72 -3.43 -14.11
C PHE A 145 2.81 -3.85 -15.10
N ASP A 146 3.65 -4.84 -14.75
CA ASP A 146 4.68 -5.25 -15.70
C ASP A 146 4.07 -5.82 -16.98
N ASN A 147 2.97 -6.58 -16.86
CA ASN A 147 2.31 -7.11 -18.05
C ASN A 147 1.65 -6.01 -18.89
N ALA A 148 1.09 -4.96 -18.26
CA ALA A 148 0.43 -3.89 -18.99
C ALA A 148 1.39 -2.84 -19.57
N LYS A 149 2.60 -2.75 -19.04
CA LYS A 149 3.48 -1.62 -19.23
C LYS A 149 3.68 -1.23 -20.69
N ALA A 150 3.94 -2.21 -21.53
CA ALA A 150 4.31 -1.90 -22.90
C ALA A 150 3.13 -1.33 -23.68
N SER A 151 1.91 -1.71 -23.29
CA SER A 151 0.70 -1.25 -23.93
C SER A 151 0.26 0.14 -23.49
N LEU A 152 0.71 0.59 -22.34
CA LEU A 152 0.26 1.85 -21.80
C LEU A 152 0.83 3.04 -22.59
N ASP A 153 0.06 4.13 -22.56
CA ASP A 153 0.54 5.33 -23.27
C ASP A 153 1.88 5.81 -22.71
N SER A 154 2.04 5.77 -21.40
CA SER A 154 3.30 6.01 -20.70
C SER A 154 3.43 4.93 -19.63
N PRO A 155 4.66 4.41 -19.37
CA PRO A 155 4.84 3.26 -18.46
C PRO A 155 4.85 3.68 -16.98
N VAL A 156 3.68 4.17 -16.51
CA VAL A 156 3.56 4.75 -15.18
C VAL A 156 2.21 4.34 -14.60
N PHE A 157 2.12 4.38 -13.28
CA PHE A 157 0.84 4.44 -12.60
C PHE A 157 0.96 5.48 -11.48
N THR A 158 -0.19 5.99 -11.05
CA THR A 158 -0.21 7.00 -10.00
C THR A 158 -1.17 6.63 -8.87
N ALA A 159 -0.81 7.06 -7.66
CA ALA A 159 -1.60 6.86 -6.45
C ALA A 159 -2.01 8.20 -5.87
N ASP A 160 -3.33 8.39 -5.70
CA ASP A 160 -3.93 9.61 -5.19
C ASP A 160 -4.93 9.18 -4.10
N LEU A 161 -4.42 8.83 -2.93
CA LEU A 161 -5.24 8.33 -1.84
C LEU A 161 -5.89 9.46 -1.06
N GLY A 162 -7.14 9.24 -0.63
CA GLY A 162 -7.87 10.24 0.15
C GLY A 162 -7.78 10.04 1.66
N TYR A 163 -7.87 11.13 2.41
CA TYR A 163 -8.03 11.10 3.87
C TYR A 163 -9.51 10.96 4.19
N HIS A 164 -9.88 9.83 4.79
CA HIS A 164 -11.25 9.55 5.14
C HIS A 164 -12.19 9.78 3.95
N ALA A 165 -11.74 9.41 2.73
CA ALA A 165 -12.49 9.66 1.52
C ALA A 165 -11.89 8.79 0.39
N PRO A 166 -12.64 8.55 -0.66
CA PRO A 166 -12.10 7.77 -1.80
C PRO A 166 -11.02 8.53 -2.54
N GLY A 167 -10.28 7.78 -3.35
CA GLY A 167 -9.23 8.35 -4.18
C GLY A 167 -9.12 7.56 -5.47
N THR A 168 -7.95 7.63 -6.14
CA THR A 168 -7.84 7.14 -7.50
C THR A 168 -6.47 6.51 -7.77
N TYR A 169 -6.48 5.37 -8.48
CA TYR A 169 -5.32 4.79 -9.14
C TYR A 169 -5.47 4.97 -10.65
N ASN A 170 -4.49 5.61 -11.31
CA ASN A 170 -4.47 5.71 -12.76
C ASN A 170 -3.30 4.94 -13.33
N PHE A 171 -3.51 4.30 -14.48
CA PHE A 171 -2.46 3.59 -15.21
C PHE A 171 -2.29 4.21 -16.59
N GLY A 172 -1.03 4.59 -16.91
CA GLY A 172 -0.68 4.99 -18.26
C GLY A 172 -0.69 6.49 -18.52
N PHE A 173 -1.07 7.32 -17.56
CA PHE A 173 -1.12 8.76 -17.76
C PHE A 173 -1.07 9.49 -16.43
N ILE A 174 -0.65 10.75 -16.50
CA ILE A 174 -0.57 11.66 -15.35
C ILE A 174 -1.70 12.68 -15.47
N ASP A 175 -2.60 12.71 -14.47
CA ASP A 175 -3.72 13.68 -14.44
C ASP A 175 -3.21 15.00 -13.87
N THR A 176 -2.92 15.97 -14.77
CA THR A 176 -2.33 17.22 -14.29
C THR A 176 -3.31 18.10 -13.54
N THR A 177 -4.61 17.74 -13.47
CA THR A 177 -5.56 18.49 -12.68
C THR A 177 -5.64 18.01 -11.24
N ALA A 178 -4.90 16.95 -10.90
CA ALA A 178 -5.10 16.29 -9.61
C ALA A 178 -4.14 16.77 -8.52
N TYR A 179 -3.22 17.69 -8.82
CA TYR A 179 -2.25 18.14 -7.84
C TYR A 179 -2.00 19.65 -8.04
N THR A 180 -1.43 20.27 -7.01
CA THR A 180 -1.00 21.66 -7.08
C THR A 180 0.49 21.72 -7.31
N GLY A 181 0.94 22.86 -7.85
CA GLY A 181 2.39 22.97 -8.07
C GLY A 181 2.91 21.98 -9.10
N SER A 182 4.16 21.57 -8.92
N SER A 182 4.18 21.58 -8.93
CA SER A 182 4.84 20.64 -9.82
CA SER A 182 4.85 20.65 -9.82
C SER A 182 5.15 19.33 -9.10
C SER A 182 5.16 19.33 -9.10
N ILE A 183 5.47 18.32 -9.89
CA ILE A 183 5.85 17.00 -9.38
C ILE A 183 7.37 16.97 -9.26
N THR A 184 7.89 16.63 -8.07
CA THR A 184 9.33 16.46 -7.88
C THR A 184 9.70 15.00 -7.98
N TYR A 185 10.56 14.66 -8.93
CA TYR A 185 10.98 13.29 -9.13
C TYR A 185 12.28 13.03 -8.39
N THR A 186 12.41 11.81 -7.89
CA THR A 186 13.54 11.39 -7.06
C THR A 186 13.94 9.95 -7.40
N ALA A 187 15.23 9.64 -7.18
CA ALA A 187 15.79 8.38 -7.68
C ALA A 187 15.31 7.18 -6.88
N VAL A 188 15.22 6.04 -7.55
CA VAL A 188 14.77 4.76 -6.98
C VAL A 188 15.87 3.70 -7.08
N SER A 189 16.05 2.93 -6.00
CA SER A 189 16.82 1.69 -6.04
C SER A 189 15.86 0.51 -6.05
N THR A 190 16.04 -0.40 -7.02
CA THR A 190 15.22 -1.60 -7.12
C THR A 190 15.92 -2.84 -6.57
N LYS A 191 17.08 -2.67 -5.93
CA LYS A 191 17.88 -3.82 -5.53
C LYS A 191 17.18 -4.74 -4.54
N GLN A 192 16.29 -4.23 -3.68
CA GLN A 192 15.53 -5.10 -2.80
CA GLN A 192 15.53 -5.08 -2.78
C GLN A 192 14.14 -5.43 -3.34
N GLY A 193 13.82 -5.01 -4.56
CA GLY A 193 12.54 -5.29 -5.16
C GLY A 193 11.45 -4.29 -4.85
N PHE A 194 11.75 -3.23 -4.11
CA PHE A 194 10.76 -2.26 -3.66
C PHE A 194 10.98 -0.93 -4.40
N TRP A 195 9.99 -0.03 -4.28
CA TRP A 195 10.11 1.37 -4.73
C TRP A 195 10.82 2.12 -3.60
N GLU A 196 12.16 1.96 -3.55
CA GLU A 196 13.00 2.45 -2.45
C GLU A 196 13.68 3.75 -2.84
N TRP A 197 13.52 4.79 -2.00
CA TRP A 197 14.00 6.14 -2.30
C TRP A 197 14.59 6.76 -1.04
N THR A 198 15.08 7.99 -1.13
CA THR A 198 15.73 8.67 -0.01
C THR A 198 15.11 10.04 0.20
N SER A 199 14.38 10.20 1.31
CA SER A 199 13.87 11.51 1.68
C SER A 199 15.01 12.39 2.22
N THR A 200 14.87 13.69 2.00
CA THR A 200 15.89 14.67 2.35
C THR A 200 15.74 15.31 3.75
N GLY A 201 14.71 14.95 4.52
CA GLY A 201 14.61 15.47 5.86
C GLY A 201 13.17 15.53 6.38
N TYR A 202 13.00 16.22 7.50
CA TYR A 202 11.68 16.33 8.08
C TYR A 202 11.56 17.56 8.96
N ALA A 203 10.31 17.96 9.22
CA ALA A 203 10.00 18.91 10.29
C ALA A 203 8.78 18.45 11.07
N VAL A 204 8.69 18.91 12.32
CA VAL A 204 7.54 18.66 13.19
C VAL A 204 6.79 19.97 13.37
N GLY A 205 5.51 19.98 13.01
CA GLY A 205 4.70 21.18 13.08
C GLY A 205 5.37 22.35 12.39
N SER A 206 5.39 23.50 13.07
CA SER A 206 6.01 24.70 12.54
CA SER A 206 6.01 24.71 12.53
C SER A 206 7.50 24.79 12.86
N GLY A 207 8.12 23.69 13.27
CA GLY A 207 9.49 23.70 13.69
C GLY A 207 10.51 23.70 12.55
N THR A 208 11.77 23.68 12.96
CA THR A 208 12.91 23.75 12.06
C THR A 208 13.01 22.50 11.20
N PHE A 209 13.15 22.67 9.87
CA PHE A 209 13.41 21.52 9.01
C PHE A 209 14.81 20.97 9.27
N LYS A 210 14.88 19.65 9.52
CA LYS A 210 16.14 18.94 9.71
C LYS A 210 16.54 18.24 8.42
N SER A 211 17.69 18.64 7.86
CA SER A 211 18.23 17.97 6.67
C SER A 211 18.96 16.69 7.05
N THR A 212 18.46 15.55 6.57
CA THR A 212 19.01 14.26 6.92
C THR A 212 18.42 13.23 5.95
N SER A 213 19.24 12.32 5.48
CA SER A 213 18.80 11.34 4.51
C SER A 213 18.08 10.20 5.18
N ILE A 214 16.86 9.90 4.72
CA ILE A 214 16.05 8.82 5.27
C ILE A 214 15.68 7.89 4.13
N ASP A 215 16.31 6.73 4.06
CA ASP A 215 16.01 5.70 3.05
C ASP A 215 14.71 4.98 3.45
N GLY A 216 13.80 4.78 2.52
CA GLY A 216 12.61 4.02 2.84
C GLY A 216 11.84 3.64 1.56
N ILE A 217 10.72 2.93 1.74
CA ILE A 217 9.96 2.44 0.56
C ILE A 217 8.62 3.14 0.49
N ALA A 218 8.16 3.39 -0.75
CA ALA A 218 6.83 3.94 -0.98
C ALA A 218 5.85 2.78 -1.09
N ASP A 219 4.95 2.63 -0.08
CA ASP A 219 4.17 1.41 0.10
C ASP A 219 2.68 1.68 0.35
N THR A 220 1.87 1.54 -0.71
CA THR A 220 0.42 1.75 -0.57
C THR A 220 -0.24 0.69 0.30
N GLY A 221 0.41 -0.45 0.51
CA GLY A 221 -0.14 -1.54 1.31
C GLY A 221 0.13 -1.45 2.81
N THR A 222 0.91 -0.48 3.23
CA THR A 222 1.17 -0.26 4.66
C THR A 222 0.34 0.94 5.12
N THR A 223 -0.35 0.79 6.27
CA THR A 223 -1.29 1.82 6.73
C THR A 223 -0.57 3.06 7.28
N LEU A 224 0.45 2.87 8.10
CA LEU A 224 1.09 3.91 8.84
C LEU A 224 2.44 4.35 8.24
N LEU A 225 3.04 5.36 8.87
CA LEU A 225 4.35 5.90 8.50
C LEU A 225 5.38 5.41 9.52
N TYR A 226 6.33 4.58 9.07
CA TYR A 226 7.34 3.99 9.93
C TYR A 226 8.71 4.61 9.64
N LEU A 227 9.30 5.24 10.65
CA LEU A 227 10.53 6.03 10.48
C LEU A 227 11.50 5.76 11.62
N PRO A 228 12.75 6.23 11.53
CA PRO A 228 13.73 5.94 12.59
C PRO A 228 13.30 6.49 13.94
N ALA A 229 13.72 5.78 15.01
CA ALA A 229 13.26 6.12 16.37
C ALA A 229 13.59 7.55 16.77
N THR A 230 14.71 8.11 16.29
CA THR A 230 15.03 9.51 16.62
C THR A 230 13.97 10.45 16.09
N VAL A 231 13.56 10.24 14.85
CA VAL A 231 12.55 11.07 14.18
C VAL A 231 11.20 10.95 14.87
N VAL A 232 10.79 9.71 15.18
CA VAL A 232 9.48 9.48 15.78
C VAL A 232 9.42 10.06 17.18
N SER A 233 10.54 9.96 17.95
CA SER A 233 10.56 10.59 19.28
C SER A 233 10.42 12.11 19.17
N ALA A 234 11.13 12.72 18.22
CA ALA A 234 11.01 14.17 18.03
C ALA A 234 9.56 14.58 17.75
N TYR A 235 8.84 13.78 16.96
CA TYR A 235 7.42 14.08 16.69
C TYR A 235 6.56 14.01 17.96
N TRP A 236 6.58 12.89 18.68
CA TRP A 236 5.65 12.67 19.77
C TRP A 236 6.01 13.50 21.00
N ALA A 237 7.24 13.98 21.09
CA ALA A 237 7.62 14.87 22.19
C ALA A 237 6.80 16.16 22.17
N GLN A 238 6.21 16.49 21.03
CA GLN A 238 5.39 17.70 20.88
C GLN A 238 3.93 17.46 21.25
N VAL A 239 3.59 16.25 21.68
CA VAL A 239 2.21 15.90 22.05
C VAL A 239 2.22 15.58 23.53
N SER A 240 1.56 16.42 24.35
CA SER A 240 1.61 16.22 25.79
CA SER A 240 1.61 16.21 25.80
C SER A 240 0.93 14.90 26.17
N GLY A 241 1.66 14.07 26.93
CA GLY A 241 1.16 12.79 27.38
C GLY A 241 1.42 11.62 26.44
N ALA A 242 1.98 11.84 25.27
CA ALA A 242 2.26 10.75 24.35
C ALA A 242 3.48 9.95 24.82
N LYS A 243 3.42 8.64 24.65
CA LYS A 243 4.49 7.76 25.09
C LYS A 243 4.46 6.46 24.30
N SER A 244 5.62 5.81 24.23
CA SER A 244 5.70 4.49 23.61
C SER A 244 5.26 3.44 24.65
N SER A 245 4.29 2.62 24.29
CA SER A 245 3.81 1.56 25.17
C SER A 245 4.20 0.21 24.60
N SER A 246 5.01 -0.54 25.35
CA SER A 246 5.42 -1.86 24.88
C SER A 246 4.24 -2.82 24.82
N SER A 247 3.29 -2.66 25.73
CA SER A 247 2.16 -3.60 25.80
C SER A 247 1.18 -3.37 24.65
N VAL A 248 0.98 -2.12 24.24
CA VAL A 248 0.11 -1.89 23.09
C VAL A 248 0.85 -2.11 21.78
N GLY A 249 2.15 -1.85 21.74
CA GLY A 249 2.92 -2.04 20.54
C GLY A 249 3.28 -0.78 19.75
N GLY A 250 3.34 0.38 20.39
CA GLY A 250 3.75 1.60 19.71
C GLY A 250 3.36 2.82 20.51
N TYR A 251 3.56 3.98 19.86
CA TYR A 251 3.23 5.24 20.48
C TYR A 251 1.72 5.42 20.56
N VAL A 252 1.25 5.82 21.74
CA VAL A 252 -0.14 6.16 22.02
C VAL A 252 -0.18 7.58 22.57
N PHE A 253 -1.35 8.22 22.48
CA PHE A 253 -1.48 9.61 22.89
C PHE A 253 -2.89 9.88 23.43
N PRO A 254 -3.04 10.90 24.28
CA PRO A 254 -4.39 11.22 24.80
C PRO A 254 -5.34 11.63 23.69
N CYS A 255 -6.51 10.98 23.65
CA CYS A 255 -7.43 11.30 22.56
C CYS A 255 -7.85 12.77 22.56
N SER A 256 -7.66 13.47 23.69
CA SER A 256 -8.01 14.88 23.76
C SER A 256 -7.00 15.81 23.11
N ALA A 257 -5.85 15.31 22.66
CA ALA A 257 -4.81 16.15 22.09
C ALA A 257 -5.09 16.57 20.65
N THR A 258 -4.57 17.74 20.29
CA THR A 258 -4.51 18.18 18.90
C THR A 258 -3.11 17.87 18.39
N LEU A 259 -3.02 17.19 17.26
CA LEU A 259 -1.72 16.69 16.77
C LEU A 259 -1.07 17.71 15.83
N PRO A 260 0.23 17.87 15.94
CA PRO A 260 0.95 18.69 14.96
C PRO A 260 1.08 17.98 13.61
N SER A 261 1.30 18.78 12.59
CA SER A 261 1.61 18.27 11.26
C SER A 261 3.00 17.65 11.26
N PHE A 262 3.31 16.90 10.18
CA PHE A 262 4.64 16.33 9.97
C PHE A 262 5.02 16.55 8.51
N THR A 263 6.19 17.16 8.26
CA THR A 263 6.66 17.44 6.91
C THR A 263 7.81 16.52 6.55
N PHE A 264 7.80 15.95 5.32
CA PHE A 264 8.96 15.21 4.82
C PHE A 264 9.46 15.80 3.50
N GLY A 265 10.77 15.71 3.30
CA GLY A 265 11.38 16.29 2.11
C GLY A 265 11.47 15.33 0.93
N VAL A 266 11.25 15.87 -0.26
CA VAL A 266 11.45 15.20 -1.54
C VAL A 266 12.34 16.13 -2.35
N GLY A 267 13.62 15.78 -2.48
CA GLY A 267 14.57 16.77 -3.01
C GLY A 267 14.42 18.08 -2.25
N SER A 268 14.37 19.20 -2.98
CA SER A 268 14.14 20.51 -2.38
C SER A 268 12.68 20.78 -2.04
N ALA A 269 11.75 19.89 -2.39
CA ALA A 269 10.35 20.12 -2.15
C ALA A 269 9.92 19.52 -0.80
N ARG A 270 8.69 19.81 -0.42
CA ARG A 270 8.19 19.48 0.94
C ARG A 270 6.75 19.00 0.85
N ILE A 271 6.46 17.84 1.43
CA ILE A 271 5.08 17.31 1.54
C ILE A 271 4.66 17.44 3.01
N VAL A 272 3.49 18.07 3.25
CA VAL A 272 3.00 18.29 4.61
C VAL A 272 1.83 17.34 4.91
N ILE A 273 2.01 16.53 5.96
CA ILE A 273 0.97 15.65 6.47
C ILE A 273 0.22 16.38 7.57
N PRO A 274 -1.06 16.73 7.39
CA PRO A 274 -1.78 17.36 8.50
C PRO A 274 -1.88 16.47 9.72
N GLY A 275 -1.90 17.11 10.91
CA GLY A 275 -1.98 16.35 12.15
C GLY A 275 -3.14 15.37 12.22
N ASP A 276 -4.29 15.73 11.66
CA ASP A 276 -5.46 14.85 11.74
C ASP A 276 -5.18 13.50 11.06
N TYR A 277 -4.30 13.48 10.06
CA TYR A 277 -3.98 12.23 9.37
C TYR A 277 -3.25 11.22 10.25
N ILE A 278 -2.69 11.67 11.38
CA ILE A 278 -1.84 10.86 12.26
C ILE A 278 -2.65 10.26 13.43
N ASP A 279 -3.97 10.51 13.49
CA ASP A 279 -4.86 9.98 14.54
C ASP A 279 -5.53 8.70 14.04
N PHE A 280 -5.23 7.56 14.66
CA PHE A 280 -5.90 6.29 14.35
C PHE A 280 -6.82 5.81 15.47
N GLY A 281 -7.25 6.72 16.36
CA GLY A 281 -8.39 6.45 17.20
C GLY A 281 -8.11 5.59 18.42
N PRO A 282 -9.13 5.39 19.23
CA PRO A 282 -8.96 4.66 20.48
C PRO A 282 -8.36 3.27 20.29
N ILE A 283 -7.45 2.91 21.22
CA ILE A 283 -6.75 1.63 21.14
C ILE A 283 -7.74 0.47 21.27
N SER A 284 -8.82 0.68 22.01
CA SER A 284 -9.95 -0.23 22.14
C SER A 284 -11.19 0.61 22.30
N THR A 285 -12.36 0.06 21.96
CA THR A 285 -13.57 0.84 22.02
C THR A 285 -13.80 1.47 23.40
N GLY A 286 -14.04 2.78 23.39
CA GLY A 286 -14.32 3.55 24.59
C GLY A 286 -13.11 4.07 25.34
N SER A 287 -11.91 3.68 24.92
CA SER A 287 -10.68 4.13 25.56
C SER A 287 -10.39 5.56 25.22
N SER A 288 -9.79 6.29 26.16
CA SER A 288 -9.30 7.65 25.92
C SER A 288 -7.83 7.69 25.50
N SER A 289 -7.20 6.55 25.29
CA SER A 289 -5.87 6.46 24.72
CA SER A 289 -5.86 6.44 24.72
C SER A 289 -5.98 6.11 23.23
N CYS A 290 -5.35 6.93 22.38
CA CYS A 290 -5.44 6.79 20.92
C CYS A 290 -4.12 6.32 20.30
N PHE A 291 -4.21 5.64 19.17
CA PHE A 291 -3.01 5.04 18.54
C PHE A 291 -2.45 5.99 17.48
N GLY A 292 -1.13 6.19 17.51
CA GLY A 292 -0.50 7.13 16.61
C GLY A 292 -0.25 6.57 15.22
N GLY A 293 -0.28 7.46 14.26
CA GLY A 293 -0.02 7.10 12.86
C GLY A 293 1.42 7.18 12.38
N ILE A 294 2.32 7.67 13.24
CA ILE A 294 3.76 7.69 13.01
C ILE A 294 4.37 6.78 14.06
N GLN A 295 5.13 5.81 13.62
CA GLN A 295 5.66 4.78 14.51
C GLN A 295 7.11 4.46 14.14
N SER A 296 7.82 3.87 15.10
CA SER A 296 9.23 3.52 14.86
C SER A 296 9.38 2.32 13.93
N SER A 297 10.36 2.42 13.04
CA SER A 297 10.72 1.33 12.14
C SER A 297 11.74 0.37 12.75
N ALA A 298 12.16 0.62 13.99
N ALA A 298 12.14 0.60 14.00
CA ALA A 298 13.12 -0.26 14.65
CA ALA A 298 13.33 -0.08 14.54
C ALA A 298 12.52 -1.65 14.79
C ALA A 298 13.23 -1.59 14.42
N GLY A 299 13.25 -2.65 14.34
N GLY A 299 12.05 -2.16 14.60
CA GLY A 299 12.78 -4.00 14.32
CA GLY A 299 11.87 -3.59 14.58
C GLY A 299 12.14 -4.42 13.00
C GLY A 299 11.43 -4.15 13.25
N ILE A 300 11.77 -3.47 12.15
CA ILE A 300 11.30 -3.82 10.80
C ILE A 300 12.48 -4.06 9.88
N GLY A 301 13.54 -3.28 10.04
CA GLY A 301 14.68 -3.34 9.16
C GLY A 301 14.64 -2.39 8.00
N ILE A 302 13.51 -1.68 7.83
CA ILE A 302 13.35 -0.76 6.71
C ILE A 302 12.33 0.31 7.13
N ASN A 303 12.54 1.53 6.63
CA ASN A 303 11.58 2.61 6.84
C ASN A 303 10.49 2.48 5.79
N ILE A 304 9.26 2.80 6.17
CA ILE A 304 8.11 2.60 5.23
C ILE A 304 7.27 3.87 5.19
N PHE A 305 7.24 4.50 4.02
CA PHE A 305 6.33 5.61 3.73
C PHE A 305 5.01 5.00 3.28
N GLY A 306 4.17 4.68 4.26
CA GLY A 306 2.84 4.11 4.04
C GLY A 306 1.76 5.16 3.81
N ASP A 307 0.51 4.71 3.93
CA ASP A 307 -0.62 5.54 3.49
C ASP A 307 -0.67 6.89 4.21
N VAL A 308 -0.29 6.94 5.49
CA VAL A 308 -0.32 8.19 6.26
C VAL A 308 0.49 9.26 5.52
N ALA A 309 1.63 8.85 4.93
CA ALA A 309 2.42 9.80 4.16
C ALA A 309 1.89 9.94 2.72
N LEU A 310 1.62 8.82 2.05
CA LEU A 310 1.24 8.88 0.64
C LEU A 310 -0.08 9.62 0.40
N LYS A 311 -1.04 9.55 1.35
CA LYS A 311 -2.33 10.19 1.11
C LYS A 311 -2.24 11.71 1.18
N ALA A 312 -1.13 12.26 1.68
CA ALA A 312 -0.90 13.69 1.63
C ALA A 312 -0.34 14.16 0.30
N ALA A 313 -0.09 13.25 -0.65
CA ALA A 313 0.56 13.61 -1.89
C ALA A 313 -0.12 12.94 -3.08
N PHE A 314 0.20 13.46 -4.25
CA PHE A 314 -0.04 12.80 -5.52
C PHE A 314 1.27 12.12 -5.89
N VAL A 315 1.22 10.80 -6.07
CA VAL A 315 2.44 10.00 -6.16
C VAL A 315 2.52 9.30 -7.51
N VAL A 316 3.65 9.47 -8.20
CA VAL A 316 3.90 8.89 -9.51
C VAL A 316 4.90 7.75 -9.37
N PHE A 317 4.49 6.55 -9.75
CA PHE A 317 5.34 5.36 -9.79
C PHE A 317 5.77 5.20 -11.26
N ASN A 318 6.97 5.70 -11.58
CA ASN A 318 7.45 5.77 -12.97
C ASN A 318 8.28 4.53 -13.30
N GLY A 319 7.76 3.68 -14.17
CA GLY A 319 8.40 2.43 -14.52
C GLY A 319 9.13 2.53 -15.86
N ALA A 320 9.69 3.70 -16.16
CA ALA A 320 10.67 3.79 -17.26
C ALA A 320 11.82 2.80 -17.03
N THR A 321 12.70 2.70 -18.04
CA THR A 321 13.79 1.73 -17.96
C THR A 321 14.65 1.95 -16.72
N THR A 322 14.84 3.21 -16.33
CA THR A 322 15.35 3.55 -15.01
C THR A 322 14.18 4.10 -14.19
N PRO A 323 13.63 3.33 -13.26
CA PRO A 323 12.45 3.81 -12.51
C PRO A 323 12.77 5.00 -11.62
N THR A 324 11.75 5.86 -11.44
CA THR A 324 11.81 6.94 -10.48
C THR A 324 10.47 7.05 -9.76
N LEU A 325 10.44 7.91 -8.73
CA LEU A 325 9.23 8.26 -8.00
C LEU A 325 9.00 9.76 -8.06
N GLY A 326 7.75 10.18 -8.21
CA GLY A 326 7.38 11.58 -8.21
C GLY A 326 6.39 11.89 -7.09
N PHE A 327 6.55 13.06 -6.46
CA PHE A 327 5.64 13.51 -5.41
C PHE A 327 5.22 14.94 -5.70
N ALA A 328 3.91 15.21 -5.60
CA ALA A 328 3.37 16.56 -5.65
C ALA A 328 2.41 16.80 -4.49
N SER A 329 2.36 18.05 -4.03
N SER A 329 2.35 18.04 -4.01
CA SER A 329 1.33 18.44 -3.08
CA SER A 329 1.32 18.46 -3.06
C SER A 329 -0.04 18.36 -3.75
C SER A 329 -0.03 18.48 -3.74
N LYS A 330 -1.08 18.45 -2.93
CA LYS A 330 -2.45 18.49 -3.47
C LYS A 330 -3.44 19.08 -2.47
C1 478 B . 8.72 -9.30 0.97
C2 478 B . 6.55 -10.24 0.78
C3 478 B . 6.03 -7.48 2.41
C4 478 B . 7.35 -9.31 1.63
C5 478 B . 4.79 -5.44 3.01
C6 478 B . 3.44 -5.00 2.40
C7 478 B . 5.62 -4.24 3.45
C8 478 B . 6.92 -4.64 4.13
C9 478 B . 8.10 -4.76 3.40
C10 478 B . 6.96 -4.90 5.48
C11 478 B . 9.28 -5.13 4.01
C12 478 B . 8.14 -5.28 6.11
C13 478 B . 9.30 -5.40 5.37
C14 478 B . 2.43 -4.51 3.42
C15 478 B . 1.30 -6.77 3.84
C16 478 B . -0.06 -6.53 3.21
C17 478 B . 0.96 -4.77 6.76
C18 478 B . 0.07 -5.61 7.41
C19 478 B . -1.09 -5.08 7.97
C20 478 B . -1.37 -3.71 7.89
C21 478 B . -0.44 -2.89 7.22
C22 478 B . 0.71 -3.41 6.66
C23 478 B . -0.85 -5.44 3.85
C24 478 B . -0.87 -7.86 3.28
C25 478 B . 7.17 -10.09 -0.56
N1 478 B . 5.55 -6.25 2.07
N2 478 B . 1.93 -5.55 4.33
N3 478 B . -2.52 -3.19 8.41
O1 478 B . 6.67 -8.04 1.36
O2 478 B . 5.89 -8.02 3.49
O3 478 B . 3.66 -3.96 1.45
O4 478 B . 2.45 -6.82 6.38
O5 478 B . 3.45 -4.60 6.02
O6 478 B . 8.56 -9.77 -0.36
S1 478 B . 2.34 -5.47 5.91
H11A 478 B . 9.35 -9.89 1.42
H12A 478 B . 9.09 -8.39 0.92
H21A 478 B . 6.61 -11.16 1.10
H22A 478 B . 5.61 -9.97 0.76
H4 478 B . 7.39 -9.55 2.58
H5 478 B . 4.57 -5.97 3.80
H6 478 B . 3.09 -5.79 1.93
H71 478 B . 5.13 -3.66 4.08
H72 478 B . 5.85 -3.66 2.69
H9 478 B . 8.10 -4.58 2.44
H10 478 B . 6.15 -4.84 6.02
H11 478 B . 10.11 -5.21 3.48
H12 478 B . 8.16 -5.47 7.06
H13 478 B . 10.14 -5.66 5.80
H141 478 B . 2.83 -3.79 3.96
H142 478 B . 1.66 -4.11 2.97
H151 478 B . 1.21 -7.42 4.57
H152 478 B . 1.88 -7.20 3.18
H16 478 B . 0.09 -6.24 2.28
H18 478 B . 0.23 -6.56 7.48
H19 478 B . -1.72 -5.68 8.43
H21 478 B . -0.60 -1.92 7.15
H22 478 B . 1.35 -2.82 6.21
H231 478 B . -0.40 -4.58 3.73
H232 478 B . -0.96 -5.60 4.81
H233 478 B . -1.74 -5.38 3.45
H241 478 B . -1.79 -7.72 2.97
H242 478 B . -0.46 -8.54 2.71
H243 478 B . -0.90 -8.19 4.19
H251 478 B . 7.12 -10.91 -1.09
H252 478 B . 6.76 -9.36 -1.08
HN1 478 B . 5.71 -5.96 1.26
HN31 478 B . -3.10 -3.73 8.81
HN32 478 B . -2.69 -2.32 8.35
HO3 478 B . 4.04 -4.32 0.79
O1 PG4 C . -3.94 22.59 0.36
C1 PG4 C . -3.27 23.46 1.28
C2 PG4 C . -2.05 22.82 1.83
O2 PG4 C . -2.37 21.50 2.30
C3 PG4 C . -1.20 20.73 2.57
C4 PG4 C . -1.61 19.36 3.03
O3 PG4 C . -2.34 18.75 1.95
C5 PG4 C . -2.71 17.40 2.25
C6 PG4 C . -3.58 16.84 1.20
O4 PG4 C . -4.77 17.60 1.04
C7 PG4 C . -5.88 16.80 0.61
C8 PG4 C . -7.06 17.67 0.21
O5 PG4 C . -6.97 18.97 0.75
HO1 PG4 C . -4.79 23.03 0.10
H11 PG4 C . -3.00 24.38 0.77
H12 PG4 C . -3.94 23.72 2.09
H21 PG4 C . -1.27 22.79 1.06
H22 PG4 C . -1.66 23.43 2.64
H31 PG4 C . -0.57 20.66 1.69
H32 PG4 C . -0.61 21.22 3.35
H41 PG4 C . -0.74 18.78 3.29
H42 PG4 C . -2.21 19.43 3.93
H51 PG4 C . -1.80 16.80 2.35
H52 PG4 C . -3.21 17.37 3.21
H61 PG4 C . -3.03 16.82 0.25
H62 PG4 C . -3.81 15.81 1.44
H71 PG4 C . -5.55 16.20 -0.24
H72 PG4 C . -6.15 16.11 1.39
H81 PG4 C . -7.15 17.81 -0.86
H82 PG4 C . -8.01 17.28 0.56
HO5 PG4 C . -7.89 19.25 1.02
O1 PG4 D . -9.03 15.90 -7.86
C1 PG4 D . -9.67 15.55 -9.09
C2 PG4 D . -8.84 14.58 -9.86
O2 PG4 D . -9.33 13.28 -9.63
C3 PG4 D . -10.51 12.96 -10.33
C4 PG4 D . -10.57 11.49 -10.70
O3 PG4 D . -9.98 11.28 -11.98
C5 PG4 D . -10.66 10.33 -12.79
C6 PG4 D . -9.83 9.94 -13.99
O4 PG4 D . -9.76 10.99 -14.95
C7 PG4 D . -8.75 11.93 -14.71
C8 PG4 D . -8.55 12.83 -15.90
O5 PG4 D . -8.53 12.12 -17.12
HO1 PG4 D . -8.08 16.11 -8.08
H11 PG4 D . -10.64 15.10 -8.88
H12 PG4 D . -9.85 16.44 -9.68
H21 PG4 D . -8.88 14.84 -10.92
H22 PG4 D . -7.80 14.68 -9.56
H31 PG4 D . -11.38 13.22 -9.74
H32 PG4 D . -10.57 13.56 -11.24
H41 PG4 D . -10.05 10.91 -9.93
H42 PG4 D . -11.60 11.16 -10.69
H51 PG4 D . -10.90 9.46 -12.19
H52 PG4 D . -11.61 10.75 -13.11
H61 PG4 D . -8.84 9.66 -13.66
H62 PG4 D . -10.27 9.05 -14.44
H71 PG4 D . -9.01 12.52 -13.84
H72 PG4 D . -7.83 11.42 -14.46
H81 PG4 D . -9.34 13.56 -16.02
H82 PG4 D . -7.61 13.38 -15.87
HO5 PG4 D . -9.33 12.39 -17.63
C1 PGE E . -9.56 11.04 -25.14
O1 PGE E . -9.45 11.76 -26.36
C2 PGE E . -10.48 9.86 -25.33
O2 PGE E . -10.79 9.29 -24.06
C3 PGE E . -9.70 8.57 -23.47
C4 PGE E . -10.17 7.87 -22.21
O4 PGE E . -6.75 9.99 -19.91
C6 PGE E . -7.58 9.72 -21.01
C5 PGE E . -8.26 8.37 -20.86
O3 PGE E . -9.64 8.54 -21.08
H1 PGE E . -8.59 10.66 -24.80
H12 PGE E . -9.97 11.68 -24.33
HO1 PGE E . -9.67 11.14 -27.07
H2 PGE E . -11.40 10.20 -25.83
H22 PGE E . -9.99 9.12 -25.98
H3 PGE E . -9.31 7.82 -24.17
H32 PGE E . -8.87 9.25 -23.21
H4 PGE E . -11.27 7.87 -22.18
H42 PGE E . -9.84 6.82 -22.23
HO4 PGE E . -7.27 10.49 -19.26
H6 PGE E . -6.99 9.71 -21.95
H62 PGE E . -8.37 10.49 -21.12
H5 PGE E . -8.05 7.98 -19.85
H52 PGE E . -7.82 7.67 -21.59
C1 PGE F . 19.74 1.07 -1.00
O1 PGE F . 20.97 1.43 -1.58
C2 PGE F . 19.05 2.32 -0.51
O2 PGE F . 18.56 3.03 -1.62
C3 PGE F . 17.89 4.21 -1.20
C4 PGE F . 17.48 5.00 -2.40
O4 PGE F . 20.19 7.11 -4.71
C6 PGE F . 19.42 6.04 -5.28
C5 PGE F . 18.21 5.85 -4.43
O3 PGE F . 18.57 5.15 -3.27
H1 PGE F . 19.07 0.59 -1.73
H12 PGE F . 19.87 0.40 -0.15
HO1 PGE F . 21.66 0.87 -1.22
H2 PGE F . 18.23 2.03 0.16
H22 PGE F . 19.77 2.93 0.06
H3 PGE F . 16.99 3.97 -0.62
H32 PGE F . 18.55 4.83 -0.57
H4 PGE F . 16.65 4.48 -2.91
H42 PGE F . 17.12 5.99 -2.07
HO4 PGE F . 20.74 7.48 -5.42
H6 PGE F . 19.11 6.26 -6.31
H62 PGE F . 19.99 5.09 -5.30
H5 PGE F . 17.44 5.31 -5.01
H52 PGE F . 17.79 6.85 -4.18
C1 EDO G . 1.86 -19.95 -19.65
O1 EDO G . 0.59 -19.90 -20.31
C2 EDO G . 2.57 -21.25 -19.96
O2 EDO G . 3.74 -21.00 -20.75
H11 EDO G . 2.47 -19.10 -19.99
H12 EDO G . 1.72 -19.84 -18.58
HO1 EDO G . -0.09 -20.25 -19.72
H21 EDO G . 2.85 -21.75 -19.03
H22 EDO G . 1.89 -21.92 -20.51
HO2 EDO G . 4.52 -21.05 -20.19
C ACY H . 9.11 9.87 23.61
O ACY H . 9.95 9.31 22.83
OXT ACY H . 8.44 9.39 24.58
CH3 ACY H . 8.80 11.36 23.27
H1 ACY H . 8.95 11.52 22.32
H2 ACY H . 9.39 11.94 23.78
H3 ACY H . 7.88 11.56 23.50
O1 PG4 I . -3.42 0.29 11.70
C1 PG4 I . -3.75 0.11 13.05
C2 PG4 I . -4.78 1.08 13.50
O2 PG4 I . -4.90 1.00 14.93
C3 PG4 I . -6.20 1.27 15.43
C4 PG4 I . -6.20 1.18 16.93
O3 PG4 I . -5.69 -0.10 17.30
C5 PG4 I . -4.61 -0.05 18.24
C6 PG4 I . -3.92 -1.38 18.29
O4 PG4 I . -2.78 -1.38 17.44
C7 PG4 I . -1.74 -2.24 17.92
C8 PG4 I . -0.56 -2.22 16.97
O5 PG4 I . -0.60 -3.25 16.02
HO1 PG4 I . -3.43 -0.61 11.27
H11 PG4 I . -4.11 -0.91 13.20
H12 PG4 I . -2.85 0.21 13.66
H21 PG4 I . -4.49 2.08 13.19
H22 PG4 I . -5.73 0.87 13.02
H31 PG4 I . -6.52 2.27 15.12
H32 PG4 I . -6.92 0.58 15.01
H41 PG4 I . -5.60 1.99 17.35
H42 PG4 I . -7.20 1.33 17.31
H51 PG4 I . -3.92 0.74 17.95
H52 PG4 I . -5.00 0.22 19.22
H61 PG4 I . -3.63 -1.59 19.32
H62 PG4 I . -4.61 -2.16 18.01
H71 PG4 I . -1.44 -1.91 18.91
H72 PG4 I . -2.12 -3.25 18.03
H81 PG4 I . -0.48 -1.29 16.39
H82 PG4 I . 0.40 -2.33 17.48
HO5 PG4 I . 0.17 -3.84 16.17
C ACY J . -10.01 10.20 18.27
O ACY J . -10.81 9.68 19.13
OXT ACY J . -9.73 9.80 17.11
CH3 ACY J . -9.28 11.53 18.70
H1 ACY J . -8.35 11.35 18.88
H2 ACY J . -9.70 11.88 19.50
H3 ACY J . -9.36 12.19 17.98
C1 EDO K . 10.99 -17.16 -5.35
O1 EDO K . 10.27 -18.32 -4.88
C2 EDO K . 10.56 -15.93 -4.54
O2 EDO K . 11.62 -14.97 -4.40
H11 EDO K . 12.06 -17.33 -5.24
H12 EDO K . 10.78 -17.00 -6.41
HO1 EDO K . 9.36 -18.29 -5.20
H21 EDO K . 9.72 -15.45 -5.04
H22 EDO K . 10.23 -16.25 -3.55
HO2 EDO K . 11.26 -14.08 -4.48
C1 EDO L . -1.08 -20.64 5.91
O1 EDO L . -1.34 -19.27 5.56
C2 EDO L . -1.70 -20.96 7.27
O2 EDO L . -3.14 -20.89 7.19
H11 EDO L . -1.50 -21.30 5.15
H12 EDO L . 0.00 -20.81 5.96
HO1 EDO L . -0.55 -18.90 5.13
H21 EDO L . -1.40 -21.97 7.58
H22 EDO L . -1.34 -20.26 8.02
HO2 EDO L . -3.51 -21.10 8.05
#